data_7KHG
#
_entry.id   7KHG
#
_cell.length_a   111.133
_cell.length_b   81.961
_cell.length_c   50.061
_cell.angle_alpha   90.000
_cell.angle_beta   107.600
_cell.angle_gamma   90.000
#
_symmetry.space_group_name_H-M   'C 1 2 1'
#
loop_
_entity.id
_entity.type
_entity.pdbx_description
1 polymer 'Mast/stem cell growth factor receptor Kit'
2 non-polymer 5-[(5-chloro-1H-pyrrolo[2,3-b]pyridin-3-yl)methyl]-N-{[6-(trifluoromethyl)pyridin-3-yl]methyl}pyridin-2-amine
3 water water
#
_entity_poly.entity_id   1
_entity_poly.type   'polypeptide(L)'
_entity_poly.pdbx_seq_one_letter_code
;MGHHHHHHMPMYEVQWKVVEESNGNNYSYIDPTQLPYDHKWEFPRNRLSFGKTLGAGAFGKVVEATAQGLIKSDAAMTVA
VKMLKPSAHSTEREALMSELKVLSYLGNHENIVNLLGACTHGGPTLVITEYCCYGDLLNFLRRKRDSFHSSDTSPASMED
DENALDLEDLLSFSYQVAKGMAFLASKNCIHRDLAARNILLTHGRITKICDFGLARDIKNDSNYVDKGNARLPVKWMAPE
SIFNSVYTFESDVWSYGIFLWELFSLGSSPYPGMPVDSKFYKMIKEGFRMSSPEHAPAEMYDIMKTCWDADPDKRPTFKQ
IVQDIEKQISESTNH
;
_entity_poly.pdbx_strand_id   A
#
# COMPACT_ATOMS: atom_id res chain seq x y z
N HIS A 6 19.60 7.28 -18.56
CA HIS A 6 18.64 8.10 -17.82
C HIS A 6 17.30 7.37 -17.70
N HIS A 7 16.91 7.09 -16.44
CA HIS A 7 15.71 6.33 -16.16
C HIS A 7 14.46 7.19 -16.25
N HIS A 8 13.40 6.64 -16.82
CA HIS A 8 12.06 7.18 -16.62
C HIS A 8 11.50 6.51 -15.37
N MET A 9 11.34 7.29 -14.29
CA MET A 9 10.99 6.69 -13.00
C MET A 9 9.68 5.91 -12.99
N PRO A 10 8.63 6.29 -13.72
CA PRO A 10 7.44 5.42 -13.77
C PRO A 10 7.72 4.00 -14.23
N MET A 11 8.86 3.74 -14.88
CA MET A 11 9.23 2.36 -15.20
C MET A 11 9.58 1.57 -13.94
N TYR A 12 9.91 2.25 -12.83
CA TYR A 12 10.47 1.55 -11.68
C TYR A 12 9.60 1.57 -10.43
N GLU A 13 8.68 2.52 -10.31
CA GLU A 13 7.78 2.58 -9.18
C GLU A 13 6.62 3.50 -9.52
N VAL A 14 5.53 3.36 -8.75
CA VAL A 14 4.40 4.28 -8.83
C VAL A 14 4.51 5.20 -7.62
N GLN A 15 4.98 6.41 -7.87
CA GLN A 15 5.18 7.40 -6.82
C GLN A 15 3.84 7.90 -6.26
N TRP A 16 3.71 7.95 -4.93
CA TRP A 16 2.61 8.70 -4.33
C TRP A 16 2.78 10.19 -4.64
N LYS A 17 1.69 10.93 -4.49
CA LYS A 17 1.61 12.36 -4.79
C LYS A 17 0.87 13.09 -3.68
N VAL A 18 1.38 14.27 -3.31
CA VAL A 18 0.62 15.22 -2.53
C VAL A 18 0.10 16.28 -3.49
N VAL A 19 -1.18 16.63 -3.35
CA VAL A 19 -1.80 17.61 -4.23
C VAL A 19 -2.08 18.89 -3.43
N GLU A 20 -2.24 19.98 -4.15
CA GLU A 20 -2.55 21.26 -3.57
C GLU A 20 -3.63 21.92 -4.44
N GLU A 21 -4.41 22.79 -3.84
CA GLU A 21 -5.45 23.47 -4.57
C GLU A 21 -4.83 24.34 -5.65
N SER A 22 -5.40 24.26 -6.84
CA SER A 22 -4.92 25.04 -7.96
C SER A 22 -6.02 25.98 -8.39
N ASN A 23 -6.15 26.22 -9.67
CA ASN A 23 -7.16 27.14 -10.14
C ASN A 23 -8.55 26.55 -10.01
N GLY A 24 -9.49 27.37 -9.58
CA GLY A 24 -10.88 26.93 -9.45
C GLY A 24 -10.99 25.77 -8.48
N ASN A 25 -11.54 24.66 -8.96
CA ASN A 25 -11.71 23.44 -8.18
C ASN A 25 -10.65 22.40 -8.46
N ASN A 26 -9.68 22.71 -9.32
CA ASN A 26 -8.66 21.75 -9.67
C ASN A 26 -7.65 21.58 -8.53
N TYR A 27 -6.92 20.48 -8.59
CA TYR A 27 -5.74 20.23 -7.78
C TYR A 27 -4.54 20.12 -8.70
N SER A 28 -3.36 20.40 -8.15
CA SER A 28 -2.11 20.18 -8.86
C SER A 28 -1.15 19.45 -7.94
N TYR A 29 -0.29 18.64 -8.55
CA TYR A 29 0.73 17.90 -7.82
C TYR A 29 1.73 18.87 -7.22
N ILE A 30 2.11 18.62 -5.98
CA ILE A 30 3.26 19.26 -5.38
C ILE A 30 4.51 18.53 -5.86
N ASP A 31 5.54 19.28 -6.21
CA ASP A 31 6.86 18.71 -6.45
C ASP A 31 7.44 18.30 -5.10
N PRO A 32 7.60 17.01 -4.81
CA PRO A 32 8.02 16.61 -3.46
C PRO A 32 9.44 17.06 -3.11
N THR A 33 10.30 17.35 -4.08
CA THR A 33 11.63 17.86 -3.73
C THR A 33 11.53 19.22 -3.04
N GLN A 34 10.39 19.90 -3.18
CA GLN A 34 10.16 21.20 -2.56
C GLN A 34 9.80 21.08 -1.10
N LEU A 35 9.21 19.96 -0.69
CA LEU A 35 8.85 19.78 0.71
C LEU A 35 10.10 19.83 1.60
N PRO A 36 9.97 20.29 2.83
CA PRO A 36 11.13 20.31 3.73
C PRO A 36 11.37 18.96 4.33
N TYR A 37 12.64 18.68 4.63
CA TYR A 37 13.01 17.57 5.49
C TYR A 37 13.32 18.11 6.89
N ASP A 38 12.54 17.69 7.87
CA ASP A 38 12.73 18.17 9.24
C ASP A 38 13.86 17.37 9.88
N HIS A 39 14.97 18.04 10.21
CA HIS A 39 16.14 17.36 10.73
C HIS A 39 15.93 16.77 12.12
N LYS A 40 14.79 17.03 12.77
CA LYS A 40 14.48 16.28 13.98
C LYS A 40 14.50 14.77 13.75
N TRP A 41 14.37 14.33 12.50
CA TRP A 41 14.37 12.90 12.19
C TRP A 41 15.77 12.31 12.10
N GLU A 42 16.80 13.15 12.03
CA GLU A 42 18.15 12.65 11.76
C GLU A 42 18.59 11.69 12.87
N PHE A 43 19.18 10.57 12.46
CA PHE A 43 19.55 9.52 13.39
C PHE A 43 20.97 9.03 13.04
N PRO A 44 21.84 8.84 14.04
CA PRO A 44 23.22 8.44 13.73
C PRO A 44 23.31 7.14 12.96
N ARG A 45 24.05 7.16 11.84
CA ARG A 45 24.21 5.99 10.99
C ARG A 45 24.91 4.85 11.73
N ASN A 46 25.80 5.16 12.66
CA ASN A 46 26.57 4.13 13.36
C ASN A 46 25.67 3.28 14.27
N ARG A 47 24.65 3.88 14.89
CA ARG A 47 23.73 3.16 15.78
C ARG A 47 22.76 2.19 15.04
N LEU A 48 23.05 1.84 13.77
CA LEU A 48 22.29 0.87 13.01
C LEU A 48 23.09 -0.40 12.78
N SER A 49 22.43 -1.55 12.90
CA SER A 49 23.05 -2.85 12.66
C SER A 49 22.13 -3.64 11.72
N PHE A 50 22.63 -3.96 10.53
CA PHE A 50 21.79 -4.50 9.47
C PHE A 50 21.70 -6.02 9.53
N GLY A 51 20.49 -6.53 9.29
CA GLY A 51 20.24 -7.96 9.16
C GLY A 51 19.79 -8.39 7.78
N LYS A 52 18.69 -9.14 7.67
CA LYS A 52 18.34 -9.72 6.39
C LYS A 52 17.63 -8.72 5.47
N THR A 53 17.72 -8.97 4.17
CA THR A 53 17.02 -8.16 3.19
C THR A 53 15.53 -8.52 3.17
N LEU A 54 14.67 -7.51 3.28
CA LEU A 54 13.23 -7.74 3.28
C LEU A 54 12.60 -7.59 1.89
N GLY A 55 13.27 -6.86 1.00
CA GLY A 55 12.83 -6.78 -0.38
C GLY A 55 13.89 -6.05 -1.17
N ALA A 56 13.96 -6.28 -2.49
CA ALA A 56 14.93 -5.57 -3.31
C ALA A 56 14.43 -5.51 -4.74
N GLY A 57 14.72 -4.40 -5.41
CA GLY A 57 14.49 -4.30 -6.84
C GLY A 57 15.81 -4.01 -7.53
N ALA A 58 15.74 -3.44 -8.74
CA ALA A 58 16.94 -3.22 -9.52
C ALA A 58 17.89 -2.27 -8.81
N PHE A 59 17.35 -1.22 -8.19
CA PHE A 59 18.19 -0.17 -7.64
C PHE A 59 17.97 0.11 -6.17
N GLY A 60 17.00 -0.54 -5.53
CA GLY A 60 16.72 -0.26 -4.13
C GLY A 60 16.53 -1.53 -3.37
N LYS A 61 16.54 -1.40 -2.04
CA LYS A 61 16.29 -2.53 -1.16
C LYS A 61 15.75 -2.04 0.16
N VAL A 62 15.09 -2.93 0.88
CA VAL A 62 14.70 -2.70 2.25
C VAL A 62 15.30 -3.85 3.06
N VAL A 63 16.02 -3.52 4.14
CA VAL A 63 16.62 -4.58 4.94
C VAL A 63 16.28 -4.37 6.40
N GLU A 64 16.10 -5.48 7.12
CA GLU A 64 15.82 -5.43 8.54
C GLU A 64 17.06 -4.96 9.29
N ALA A 65 16.86 -4.19 10.37
CA ALA A 65 17.99 -3.67 11.12
C ALA A 65 17.62 -3.50 12.59
N THR A 66 18.66 -3.39 13.42
CA THR A 66 18.56 -3.02 14.83
C THR A 66 19.03 -1.58 15.00
N ALA A 67 18.24 -0.76 15.69
CA ALA A 67 18.57 0.64 15.95
C ALA A 67 18.75 0.86 17.45
N GLN A 68 19.93 1.30 17.86
CA GLN A 68 20.26 1.51 19.26
C GLN A 68 19.71 2.84 19.76
N GLY A 69 18.77 2.79 20.71
CA GLY A 69 18.34 4.01 21.35
C GLY A 69 17.37 4.84 20.54
N LEU A 70 16.71 4.25 19.54
CA LEU A 70 15.86 5.02 18.66
C LEU A 70 14.63 5.53 19.39
N ILE A 71 13.95 4.67 20.14
CA ILE A 71 12.73 5.05 20.83
C ILE A 71 12.96 5.28 22.33
N LYS A 72 13.74 4.42 22.98
CA LYS A 72 14.10 4.60 24.38
C LYS A 72 15.62 4.70 24.50
N SER A 73 16.09 5.53 25.44
CA SER A 73 17.49 5.96 25.45
C SER A 73 18.45 4.77 25.48
N ASP A 74 18.16 3.77 26.33
CA ASP A 74 19.05 2.62 26.39
C ASP A 74 18.29 1.33 26.04
N ALA A 75 17.74 1.29 24.83
CA ALA A 75 17.04 0.12 24.33
C ALA A 75 17.22 0.03 22.82
N ALA A 76 17.19 -1.21 22.31
CA ALA A 76 17.30 -1.47 20.88
C ALA A 76 15.94 -1.90 20.36
N MET A 77 15.70 -1.62 19.08
CA MET A 77 14.44 -2.01 18.45
C MET A 77 14.67 -2.37 16.99
N THR A 78 13.90 -3.35 16.51
CA THR A 78 13.96 -3.77 15.13
C THR A 78 13.23 -2.78 14.25
N VAL A 79 13.87 -2.40 13.14
CA VAL A 79 13.35 -1.42 12.20
C VAL A 79 13.58 -1.97 10.79
N ALA A 80 12.92 -1.37 9.80
CA ALA A 80 13.21 -1.65 8.40
C ALA A 80 13.85 -0.41 7.80
N VAL A 81 14.88 -0.61 6.97
CA VAL A 81 15.61 0.52 6.40
C VAL A 81 15.53 0.42 4.89
N LYS A 82 15.04 1.48 4.25
CA LYS A 82 15.03 1.56 2.81
C LYS A 82 16.23 2.35 2.34
N MET A 83 16.88 1.86 1.29
CA MET A 83 18.12 2.46 0.80
C MET A 83 18.32 2.01 -0.63
N LEU A 84 19.28 2.65 -1.29
CA LEU A 84 19.54 2.38 -2.70
C LEU A 84 20.84 1.62 -2.87
N LYS A 85 20.91 0.81 -3.91
CA LYS A 85 22.13 0.15 -4.30
C LYS A 85 23.12 1.15 -4.90
N PRO A 86 24.42 0.85 -4.84
CA PRO A 86 25.41 1.79 -5.39
C PRO A 86 25.29 2.03 -6.89
N SER A 87 24.64 1.13 -7.63
CA SER A 87 24.39 1.35 -9.05
C SER A 87 23.21 2.29 -9.34
N ALA A 88 22.45 2.73 -8.33
CA ALA A 88 21.37 3.68 -8.54
C ALA A 88 21.90 4.98 -9.17
N HIS A 89 21.03 5.66 -9.92
CA HIS A 89 21.34 6.98 -10.47
C HIS A 89 20.79 8.08 -9.57
N SER A 90 21.21 9.31 -9.89
CA SER A 90 20.76 10.46 -9.11
C SER A 90 19.24 10.60 -9.12
N THR A 91 18.59 10.15 -10.20
CA THR A 91 17.14 10.20 -10.25
C THR A 91 16.51 9.33 -9.16
N GLU A 92 17.10 8.16 -8.86
CA GLU A 92 16.61 7.36 -7.73
C GLU A 92 16.99 7.97 -6.39
N ARG A 93 18.20 8.55 -6.28
CA ARG A 93 18.59 9.18 -5.03
C ARG A 93 17.67 10.37 -4.73
N GLU A 94 17.27 11.10 -5.76
CA GLU A 94 16.28 12.17 -5.55
C GLU A 94 14.93 11.60 -5.14
N ALA A 95 14.49 10.50 -5.79
CA ALA A 95 13.20 9.92 -5.46
C ALA A 95 13.13 9.47 -4.00
N LEU A 96 14.23 8.90 -3.47
CA LEU A 96 14.25 8.44 -2.08
C LEU A 96 14.23 9.61 -1.09
N MET A 97 14.97 10.71 -1.38
CA MET A 97 14.83 11.90 -0.53
C MET A 97 13.41 12.45 -0.61
N SER A 98 12.82 12.46 -1.81
CA SER A 98 11.46 12.96 -1.94
C SER A 98 10.49 12.11 -1.14
N GLU A 99 10.72 10.79 -1.10
CA GLU A 99 9.88 9.91 -0.28
C GLU A 99 10.02 10.25 1.20
N LEU A 100 11.25 10.56 1.63
CA LEU A 100 11.49 10.95 3.00
C LEU A 100 10.81 12.28 3.31
N LYS A 101 10.83 13.22 2.36
CA LYS A 101 10.17 14.50 2.58
C LYS A 101 8.65 14.33 2.69
N VAL A 102 8.06 13.45 1.85
CA VAL A 102 6.62 13.24 1.97
C VAL A 102 6.27 12.58 3.30
N LEU A 103 7.10 11.62 3.76
CA LEU A 103 6.88 11.01 5.07
C LEU A 103 7.00 12.05 6.19
N SER A 104 7.97 12.97 6.09
CA SER A 104 8.13 13.98 7.12
C SER A 104 6.93 14.92 7.13
N TYR A 105 6.35 15.17 5.95
CA TYR A 105 5.16 16.01 5.85
C TYR A 105 3.92 15.31 6.43
N LEU A 106 3.77 14.00 6.21
CA LEU A 106 2.48 13.35 6.47
C LEU A 106 2.18 13.25 7.97
N GLY A 107 3.21 13.04 8.78
CA GLY A 107 2.97 12.68 10.16
C GLY A 107 2.64 11.21 10.32
N ASN A 108 2.19 10.87 11.52
CA ASN A 108 2.13 9.51 12.03
C ASN A 108 0.68 9.01 12.04
N HIS A 109 0.48 7.72 11.70
CA HIS A 109 -0.84 7.10 11.78
C HIS A 109 -0.67 5.61 12.01
N GLU A 110 -1.60 5.05 12.78
CA GLU A 110 -1.49 3.66 13.21
C GLU A 110 -1.44 2.71 12.01
N ASN A 111 -2.15 3.06 10.93
CA ASN A 111 -2.33 2.16 9.80
C ASN A 111 -1.50 2.55 8.57
N ILE A 112 -0.38 3.24 8.77
CA ILE A 112 0.66 3.35 7.75
C ILE A 112 1.98 2.91 8.37
N VAL A 113 2.90 2.49 7.50
CA VAL A 113 4.29 2.25 7.87
C VAL A 113 4.89 3.62 8.19
N ASN A 114 5.25 3.85 9.45
CA ASN A 114 5.66 5.17 9.89
C ASN A 114 7.15 5.43 9.79
N LEU A 115 7.49 6.68 9.50
CA LEU A 115 8.86 7.15 9.59
C LEU A 115 9.31 7.14 11.05
N LEU A 116 10.47 6.54 11.32
CA LEU A 116 11.10 6.63 12.63
C LEU A 116 12.39 7.44 12.64
N GLY A 117 13.07 7.56 11.51
CA GLY A 117 14.29 8.34 11.45
C GLY A 117 14.95 8.20 10.09
N ALA A 118 16.00 9.00 9.89
CA ALA A 118 16.70 9.00 8.62
C ALA A 118 18.19 9.28 8.85
N CYS A 119 19.00 8.82 7.92
CA CYS A 119 20.42 9.15 7.84
C CYS A 119 20.65 9.83 6.51
N THR A 120 20.92 11.14 6.52
CA THR A 120 21.01 11.90 5.28
C THR A 120 22.35 12.58 5.03
N HIS A 121 23.31 12.50 5.93
CA HIS A 121 24.61 13.08 5.63
C HIS A 121 25.67 12.01 5.60
N GLY A 122 26.64 12.20 4.70
CA GLY A 122 27.71 11.25 4.53
C GLY A 122 27.41 10.33 3.37
N GLY A 123 27.02 9.10 3.68
CA GLY A 123 26.77 8.12 2.67
C GLY A 123 25.33 8.14 2.20
N PRO A 124 24.88 7.00 1.70
CA PRO A 124 23.53 6.91 1.08
C PRO A 124 22.44 7.29 2.07
N THR A 125 21.34 7.82 1.54
CA THR A 125 20.17 8.09 2.37
C THR A 125 19.57 6.80 2.90
N LEU A 126 19.39 6.73 4.21
CA LEU A 126 18.75 5.60 4.88
C LEU A 126 17.43 6.08 5.44
N VAL A 127 16.33 5.43 5.05
CA VAL A 127 15.01 5.81 5.54
C VAL A 127 14.55 4.73 6.51
N ILE A 128 14.49 5.06 7.79
CA ILE A 128 14.19 4.10 8.86
C ILE A 128 12.69 4.14 9.13
N THR A 129 12.01 3.00 9.00
CA THR A 129 10.57 2.91 9.24
C THR A 129 10.26 1.72 10.14
N GLU A 130 8.99 1.61 10.52
CA GLU A 130 8.56 0.51 11.38
C GLU A 130 8.73 -0.83 10.68
N TYR A 131 9.15 -1.83 11.44
CA TYR A 131 9.25 -3.20 10.94
C TYR A 131 7.95 -3.95 11.24
N CYS A 132 7.43 -4.69 10.26
CA CYS A 132 6.17 -5.42 10.39
C CYS A 132 6.45 -6.90 10.23
N CYS A 133 6.34 -7.66 11.33
CA CYS A 133 6.97 -8.99 11.36
C CYS A 133 6.27 -10.02 10.46
N TYR A 134 5.00 -9.83 10.08
CA TYR A 134 4.34 -10.81 9.22
C TYR A 134 4.55 -10.53 7.74
N GLY A 135 5.13 -9.40 7.37
CA GLY A 135 5.42 -9.14 5.97
C GLY A 135 4.21 -8.61 5.23
N ASP A 136 4.20 -8.80 3.92
CA ASP A 136 3.15 -8.21 3.11
C ASP A 136 1.87 -9.03 3.23
N LEU A 137 0.74 -8.32 3.25
CA LEU A 137 -0.56 -8.95 3.48
C LEU A 137 -0.91 -9.96 2.38
N LEU A 138 -0.52 -9.70 1.13
CA LEU A 138 -0.88 -10.60 0.04
C LEU A 138 -0.30 -11.99 0.27
N ASN A 139 1.01 -12.06 0.54
CA ASN A 139 1.64 -13.35 0.78
C ASN A 139 1.05 -14.02 2.02
N PHE A 140 0.75 -13.21 3.05
CA PHE A 140 0.13 -13.73 4.27
C PHE A 140 -1.23 -14.36 3.98
N LEU A 141 -2.11 -13.64 3.27
CA LEU A 141 -3.42 -14.21 2.93
C LEU A 141 -3.26 -15.49 2.13
N ARG A 142 -2.26 -15.55 1.23
CA ARG A 142 -2.14 -16.72 0.37
C ARG A 142 -1.67 -17.94 1.16
N ARG A 143 -0.73 -17.77 2.10
CA ARG A 143 -0.29 -18.93 2.85
C ARG A 143 -1.32 -19.33 3.91
N LYS A 144 -2.13 -18.38 4.40
CA LYS A 144 -3.21 -18.64 5.35
C LYS A 144 -4.48 -19.10 4.68
N ARG A 145 -4.47 -19.28 3.36
CA ARG A 145 -5.72 -19.45 2.63
C ARG A 145 -6.42 -20.75 3.02
N ASP A 146 -5.68 -21.86 3.06
CA ASP A 146 -6.28 -23.16 3.33
C ASP A 146 -6.73 -23.34 4.77
N SER A 147 -6.26 -22.52 5.70
CA SER A 147 -6.67 -22.64 7.09
C SER A 147 -7.73 -21.63 7.48
N PHE A 148 -8.35 -20.96 6.51
CA PHE A 148 -9.45 -20.06 6.82
C PHE A 148 -10.61 -20.87 7.38
N HIS A 149 -11.19 -20.42 8.49
CA HIS A 149 -12.25 -21.18 9.13
C HIS A 149 -13.57 -20.43 9.16
N SER A 150 -14.63 -21.19 8.86
CA SER A 150 -16.01 -20.70 8.87
C SER A 150 -16.49 -20.43 10.29
N SER A 151 -17.58 -19.66 10.37
CA SER A 151 -18.12 -19.16 11.63
C SER A 151 -18.37 -20.27 12.67
N ASP A 152 -19.40 -21.09 12.44
CA ASP A 152 -19.75 -22.14 13.39
C ASP A 152 -19.16 -23.46 12.91
N THR A 153 -17.86 -23.61 13.16
CA THR A 153 -17.09 -24.81 12.87
C THR A 153 -16.19 -25.03 14.06
N SER A 154 -15.97 -26.31 14.41
CA SER A 154 -15.17 -26.61 15.58
C SER A 154 -13.73 -26.15 15.37
N PRO A 155 -13.06 -25.64 16.41
CA PRO A 155 -11.62 -25.38 16.30
C PRO A 155 -10.80 -26.63 16.05
N ALA A 156 -11.34 -27.82 16.35
CA ALA A 156 -10.56 -29.04 16.28
C ALA A 156 -10.22 -29.44 14.84
N SER A 157 -10.92 -28.88 13.84
CA SER A 157 -10.66 -29.23 12.44
C SER A 157 -9.38 -28.62 11.89
N MET A 158 -8.96 -27.45 12.40
CA MET A 158 -7.69 -26.85 12.01
C MET A 158 -6.59 -27.24 13.01
N GLU A 159 -5.35 -27.31 12.50
CA GLU A 159 -4.22 -27.58 13.40
C GLU A 159 -3.87 -26.35 14.22
N ASP A 160 -3.66 -25.23 13.56
CA ASP A 160 -3.34 -23.98 14.24
C ASP A 160 -4.55 -23.06 14.23
N ASP A 161 -5.67 -23.55 14.78
CA ASP A 161 -6.91 -22.78 14.83
C ASP A 161 -6.69 -21.41 15.49
N GLU A 162 -5.72 -21.31 16.40
CA GLU A 162 -5.41 -20.05 17.07
CA GLU A 162 -5.45 -20.04 17.05
C GLU A 162 -4.79 -19.05 16.10
N ASN A 163 -4.01 -19.53 15.13
CA ASN A 163 -3.37 -18.67 14.14
C ASN A 163 -4.11 -18.65 12.82
N ALA A 164 -5.30 -19.23 12.76
CA ALA A 164 -6.04 -19.29 11.51
C ALA A 164 -6.62 -17.91 11.17
N LEU A 165 -7.30 -17.87 10.04
CA LEU A 165 -7.89 -16.66 9.50
C LEU A 165 -9.40 -16.81 9.50
N ASP A 166 -10.12 -15.78 9.93
CA ASP A 166 -11.58 -15.83 9.92
C ASP A 166 -12.11 -14.49 9.42
N LEU A 167 -13.44 -14.44 9.24
CA LEU A 167 -14.10 -13.26 8.72
C LEU A 167 -13.85 -12.03 9.59
N GLU A 168 -13.72 -12.22 10.91
CA GLU A 168 -13.44 -11.10 11.79
C GLU A 168 -12.10 -10.45 11.45
N ASP A 169 -11.11 -11.26 11.07
CA ASP A 169 -9.83 -10.71 10.63
C ASP A 169 -9.99 -9.91 9.34
N LEU A 170 -10.71 -10.47 8.36
CA LEU A 170 -10.83 -9.79 7.07
C LEU A 170 -11.57 -8.46 7.21
N LEU A 171 -12.65 -8.43 8.01
CA LEU A 171 -13.34 -7.17 8.28
C LEU A 171 -12.46 -6.19 9.03
N SER A 172 -11.60 -6.69 9.94
CA SER A 172 -10.66 -5.84 10.65
C SER A 172 -9.61 -5.23 9.69
N PHE A 173 -9.03 -6.07 8.84
CA PHE A 173 -8.05 -5.57 7.87
C PHE A 173 -8.68 -4.54 6.94
N SER A 174 -9.91 -4.78 6.49
CA SER A 174 -10.57 -3.83 5.61
C SER A 174 -10.82 -2.50 6.32
N TYR A 175 -11.07 -2.57 7.63
CA TYR A 175 -11.36 -1.36 8.39
C TYR A 175 -10.09 -0.55 8.60
N GLN A 176 -8.99 -1.23 8.96
CA GLN A 176 -7.74 -0.54 9.22
C GLN A 176 -7.16 0.10 7.96
N VAL A 177 -7.27 -0.57 6.81
CA VAL A 177 -6.77 0.02 5.57
C VAL A 177 -7.61 1.23 5.18
N ALA A 178 -8.94 1.15 5.34
CA ALA A 178 -9.75 2.34 5.07
C ALA A 178 -9.38 3.47 6.02
N LYS A 179 -8.97 3.17 7.24
CA LYS A 179 -8.59 4.24 8.15
C LYS A 179 -7.27 4.87 7.74
N GLY A 180 -6.28 4.03 7.33
CA GLY A 180 -5.03 4.58 6.81
C GLY A 180 -5.23 5.43 5.56
N MET A 181 -6.10 4.99 4.66
CA MET A 181 -6.35 5.75 3.44
C MET A 181 -7.09 7.05 3.74
N ALA A 182 -8.03 7.03 4.68
CA ALA A 182 -8.68 8.26 5.13
C ALA A 182 -7.65 9.26 5.65
N PHE A 183 -6.69 8.79 6.45
CA PHE A 183 -5.60 9.64 6.91
C PHE A 183 -4.83 10.24 5.74
N LEU A 184 -4.34 9.40 4.81
CA LEU A 184 -3.66 9.90 3.62
C LEU A 184 -4.48 10.97 2.91
N ALA A 185 -5.78 10.72 2.68
CA ALA A 185 -6.57 11.66 1.92
C ALA A 185 -6.72 12.98 2.66
N SER A 186 -6.77 12.93 4.00
CA SER A 186 -6.85 14.13 4.81
C SER A 186 -5.57 14.95 4.75
N LYS A 187 -4.45 14.36 4.36
CA LYS A 187 -3.24 15.13 4.14
C LYS A 187 -3.05 15.45 2.66
N ASN A 188 -4.11 15.31 1.86
CA ASN A 188 -4.06 15.58 0.42
C ASN A 188 -3.08 14.64 -0.29
N CYS A 189 -2.87 13.45 0.26
CA CYS A 189 -1.97 12.47 -0.34
C CYS A 189 -2.78 11.46 -1.15
N ILE A 190 -2.27 11.14 -2.33
CA ILE A 190 -2.81 10.08 -3.18
C ILE A 190 -1.72 9.01 -3.28
N HIS A 191 -2.07 7.78 -2.88
CA HIS A 191 -1.11 6.68 -2.85
C HIS A 191 -0.75 6.21 -4.27
N ARG A 192 -1.77 5.97 -5.09
CA ARG A 192 -1.67 5.52 -6.48
C ARG A 192 -1.22 4.07 -6.69
N ASP A 193 -0.89 3.32 -5.63
CA ASP A 193 -0.54 1.90 -5.84
C ASP A 193 -1.04 1.06 -4.66
N LEU A 194 -2.24 1.35 -4.19
CA LEU A 194 -2.84 0.58 -3.12
C LEU A 194 -3.18 -0.82 -3.61
N ALA A 195 -2.75 -1.83 -2.87
CA ALA A 195 -2.96 -3.24 -3.20
C ALA A 195 -2.45 -4.04 -2.01
N ALA A 196 -2.90 -5.28 -1.91
CA ALA A 196 -2.52 -6.10 -0.76
C ALA A 196 -1.01 -6.33 -0.73
N ARG A 197 -0.34 -6.30 -1.89
CA ARG A 197 1.13 -6.39 -1.90
C ARG A 197 1.78 -5.16 -1.28
N ASN A 198 1.03 -4.06 -1.12
CA ASN A 198 1.58 -2.85 -0.53
C ASN A 198 0.99 -2.58 0.84
N ILE A 199 0.55 -3.64 1.52
CA ILE A 199 0.06 -3.57 2.90
C ILE A 199 0.82 -4.61 3.71
N LEU A 200 1.30 -4.20 4.88
CA LEU A 200 2.05 -5.06 5.77
C LEU A 200 1.21 -5.41 7.00
N LEU A 201 1.62 -6.47 7.68
CA LEU A 201 0.92 -6.95 8.85
C LEU A 201 1.90 -7.06 10.01
N THR A 202 1.55 -6.51 11.16
CA THR A 202 2.44 -6.50 12.31
C THR A 202 1.86 -7.32 13.45
N HIS A 203 2.59 -7.35 14.58
CA HIS A 203 2.11 -7.89 15.85
C HIS A 203 0.74 -7.33 16.20
N GLY A 204 -0.14 -8.18 16.69
CA GLY A 204 -1.50 -7.78 16.95
C GLY A 204 -2.37 -7.70 15.71
N ARG A 205 -1.83 -8.06 14.54
CA ARG A 205 -2.57 -8.02 13.30
C ARG A 205 -3.10 -6.61 13.04
N ILE A 206 -2.20 -5.63 13.16
CA ILE A 206 -2.43 -4.28 12.64
C ILE A 206 -1.87 -4.26 11.22
N THR A 207 -2.67 -3.75 10.28
CA THR A 207 -2.23 -3.58 8.91
C THR A 207 -1.67 -2.18 8.73
N LYS A 208 -0.58 -2.08 7.96
CA LYS A 208 0.07 -0.81 7.69
C LYS A 208 0.30 -0.66 6.19
N ILE A 209 -0.23 0.42 5.61
CA ILE A 209 -0.03 0.72 4.19
C ILE A 209 1.39 1.20 3.96
N CYS A 210 1.95 0.88 2.79
CA CYS A 210 3.34 1.20 2.49
C CYS A 210 3.50 1.22 0.97
N ASP A 211 4.75 1.30 0.50
CA ASP A 211 5.04 0.95 -0.90
C ASP A 211 6.52 0.58 -1.01
N PHE A 212 6.77 -0.70 -1.30
CA PHE A 212 8.14 -1.14 -1.52
C PHE A 212 8.83 -0.28 -2.57
N GLY A 213 8.10 0.14 -3.60
CA GLY A 213 8.66 1.10 -4.57
C GLY A 213 9.91 0.57 -5.24
N LEU A 214 11.03 1.28 -5.09
CA LEU A 214 12.29 0.85 -5.70
C LEU A 214 12.84 -0.43 -5.08
N ALA A 215 12.31 -0.87 -3.94
CA ALA A 215 12.70 -2.14 -3.33
C ALA A 215 11.83 -3.29 -3.81
N ARG A 216 11.11 -3.11 -4.91
CA ARG A 216 10.31 -4.16 -5.52
C ARG A 216 10.88 -4.43 -6.90
N ASP A 217 10.99 -5.71 -7.26
CA ASP A 217 11.48 -6.12 -8.58
C ASP A 217 10.31 -6.01 -9.55
N ILE A 218 10.02 -4.77 -9.95
CA ILE A 218 8.78 -4.48 -10.67
C ILE A 218 8.77 -5.16 -12.04
N LYS A 219 9.94 -5.30 -12.67
CA LYS A 219 9.98 -5.88 -14.01
C LYS A 219 9.52 -7.34 -14.00
N ASN A 220 9.67 -8.04 -12.87
CA ASN A 220 9.25 -9.43 -12.75
C ASN A 220 7.95 -9.60 -11.96
N ASP A 221 7.23 -8.52 -11.65
CA ASP A 221 5.90 -8.63 -11.07
C ASP A 221 4.90 -8.39 -12.19
N SER A 222 4.26 -9.46 -12.65
CA SER A 222 3.32 -9.39 -13.76
C SER A 222 2.04 -8.65 -13.38
N ASN A 223 1.87 -8.25 -12.12
CA ASN A 223 0.80 -7.32 -11.83
C ASN A 223 1.09 -5.93 -12.33
N TYR A 224 2.33 -5.63 -12.72
CA TYR A 224 2.64 -4.36 -13.35
C TYR A 224 2.80 -4.56 -14.85
N VAL A 225 2.05 -3.80 -15.63
CA VAL A 225 2.00 -3.94 -17.07
C VAL A 225 2.71 -2.77 -17.75
N ASP A 226 3.52 -3.09 -18.76
CA ASP A 226 4.15 -2.08 -19.60
C ASP A 226 3.07 -1.38 -20.41
N LYS A 227 2.81 -0.13 -20.08
CA LYS A 227 1.73 0.64 -20.70
C LYS A 227 2.25 2.05 -20.90
N GLY A 228 2.38 2.45 -22.16
CA GLY A 228 3.13 3.66 -22.46
C GLY A 228 4.58 3.39 -22.10
N ASN A 229 5.21 4.36 -21.43
CA ASN A 229 6.56 4.19 -20.89
CA ASN A 229 6.55 4.11 -20.90
C ASN A 229 6.51 4.12 -19.38
N ALA A 230 5.60 3.33 -18.83
CA ALA A 230 5.53 3.10 -17.40
C ALA A 230 5.22 1.62 -17.18
N ARG A 231 5.35 1.21 -15.93
CA ARG A 231 4.90 -0.11 -15.48
C ARG A 231 3.78 0.15 -14.48
N LEU A 232 2.55 -0.18 -14.88
CA LEU A 232 1.39 0.27 -14.16
C LEU A 232 0.58 -0.90 -13.63
N PRO A 233 0.06 -0.80 -12.42
CA PRO A 233 -0.80 -1.85 -11.84
C PRO A 233 -2.22 -1.71 -12.37
N VAL A 234 -2.38 -2.03 -13.65
CA VAL A 234 -3.61 -1.71 -14.39
C VAL A 234 -4.83 -2.31 -13.72
N LYS A 235 -4.74 -3.58 -13.31
CA LYS A 235 -5.94 -4.21 -12.76
C LYS A 235 -6.41 -3.57 -11.46
N TRP A 236 -5.60 -2.70 -10.85
CA TRP A 236 -5.98 -2.01 -9.64
C TRP A 236 -6.41 -0.57 -9.89
N MET A 237 -6.39 -0.11 -11.13
CA MET A 237 -6.48 1.32 -11.41
C MET A 237 -7.86 1.72 -11.92
N ALA A 238 -8.25 2.96 -11.61
CA ALA A 238 -9.54 3.46 -12.08
C ALA A 238 -9.46 3.77 -13.57
N PRO A 239 -10.60 3.73 -14.27
CA PRO A 239 -10.56 3.99 -15.72
C PRO A 239 -9.98 5.35 -16.06
N GLU A 240 -10.29 6.39 -15.27
CA GLU A 240 -9.77 7.71 -15.57
C GLU A 240 -8.25 7.74 -15.43
N SER A 241 -7.68 6.93 -14.53
CA SER A 241 -6.22 6.84 -14.44
C SER A 241 -5.64 6.11 -15.64
N ILE A 242 -6.24 4.98 -16.02
CA ILE A 242 -5.77 4.23 -17.18
C ILE A 242 -5.79 5.09 -18.43
N PHE A 243 -6.94 5.69 -18.74
CA PHE A 243 -7.16 6.28 -20.05
C PHE A 243 -6.75 7.74 -20.14
N ASN A 244 -6.82 8.50 -19.03
CA ASN A 244 -6.50 9.92 -19.06
C ASN A 244 -5.39 10.31 -18.08
N SER A 245 -4.76 9.35 -17.40
CA SER A 245 -3.69 9.64 -16.43
C SER A 245 -4.17 10.57 -15.33
N VAL A 246 -5.42 10.42 -14.93
CA VAL A 246 -6.02 11.25 -13.91
C VAL A 246 -5.99 10.48 -12.59
N TYR A 247 -5.36 11.06 -11.58
CA TYR A 247 -5.23 10.45 -10.27
C TYR A 247 -5.81 11.39 -9.24
N THR A 248 -6.78 10.91 -8.46
CA THR A 248 -7.49 11.72 -7.50
C THR A 248 -7.72 10.88 -6.25
N PHE A 249 -8.30 11.51 -5.23
CA PHE A 249 -8.73 10.74 -4.07
C PHE A 249 -9.69 9.63 -4.48
N GLU A 250 -10.46 9.86 -5.55
CA GLU A 250 -11.48 8.92 -5.98
C GLU A 250 -10.88 7.73 -6.75
N SER A 251 -9.73 7.93 -7.40
CA SER A 251 -9.07 6.79 -8.04
C SER A 251 -8.44 5.87 -6.99
N ASP A 252 -7.96 6.43 -5.87
CA ASP A 252 -7.51 5.60 -4.75
C ASP A 252 -8.67 4.74 -4.23
N VAL A 253 -9.89 5.32 -4.18
CA VAL A 253 -11.04 4.52 -3.73
C VAL A 253 -11.26 3.33 -4.65
N TRP A 254 -11.17 3.54 -5.96
CA TRP A 254 -11.27 2.40 -6.88
C TRP A 254 -10.28 1.30 -6.48
N SER A 255 -9.01 1.67 -6.28
CA SER A 255 -7.99 0.68 -5.93
C SER A 255 -8.32 -0.02 -4.62
N TYR A 256 -8.93 0.72 -3.68
CA TYR A 256 -9.34 0.13 -2.43
C TYR A 256 -10.42 -0.94 -2.65
N GLY A 257 -11.33 -0.71 -3.59
CA GLY A 257 -12.28 -1.74 -3.94
C GLY A 257 -11.61 -3.00 -4.49
N ILE A 258 -10.56 -2.82 -5.31
CA ILE A 258 -9.84 -3.98 -5.83
C ILE A 258 -9.09 -4.68 -4.70
N PHE A 259 -8.53 -3.90 -3.77
CA PHE A 259 -7.93 -4.48 -2.57
C PHE A 259 -8.95 -5.33 -1.79
N LEU A 260 -10.15 -4.80 -1.56
CA LEU A 260 -11.19 -5.58 -0.87
C LEU A 260 -11.46 -6.89 -1.57
N TRP A 261 -11.58 -6.87 -2.90
CA TRP A 261 -11.77 -8.12 -3.64
C TRP A 261 -10.63 -9.12 -3.37
N GLU A 262 -9.36 -8.66 -3.40
CA GLU A 262 -8.23 -9.54 -3.06
C GLU A 262 -8.35 -10.08 -1.65
N LEU A 263 -8.68 -9.18 -0.72
CA LEU A 263 -8.72 -9.52 0.70
C LEU A 263 -9.71 -10.67 0.95
N PHE A 264 -10.95 -10.53 0.45
CA PHE A 264 -11.98 -11.53 0.72
C PHE A 264 -11.90 -12.75 -0.20
N SER A 265 -11.09 -12.67 -1.27
CA SER A 265 -10.70 -13.83 -2.05
C SER A 265 -9.47 -14.51 -1.49
N LEU A 266 -8.98 -14.06 -0.33
CA LEU A 266 -7.78 -14.59 0.31
C LEU A 266 -6.57 -14.58 -0.62
N GLY A 267 -6.37 -13.45 -1.31
CA GLY A 267 -5.17 -13.29 -2.11
C GLY A 267 -5.25 -13.81 -3.52
N SER A 268 -6.45 -14.00 -4.05
CA SER A 268 -6.56 -14.34 -5.46
C SER A 268 -6.17 -13.14 -6.32
N SER A 269 -5.85 -13.41 -7.59
CA SER A 269 -5.48 -12.34 -8.50
C SER A 269 -6.74 -11.78 -9.17
N PRO A 270 -6.83 -10.46 -9.30
CA PRO A 270 -8.07 -9.85 -9.84
C PRO A 270 -8.24 -10.22 -11.30
N TYR A 271 -9.50 -10.10 -11.76
CA TYR A 271 -9.94 -10.33 -13.13
C TYR A 271 -9.33 -11.60 -13.76
N PRO A 272 -9.57 -12.78 -13.15
CA PRO A 272 -9.00 -14.01 -13.73
C PRO A 272 -9.58 -14.24 -15.11
N GLY A 273 -8.80 -14.92 -15.96
CA GLY A 273 -9.18 -15.12 -17.35
C GLY A 273 -9.28 -13.85 -18.18
N MET A 274 -8.66 -12.76 -17.74
CA MET A 274 -8.74 -11.48 -18.43
C MET A 274 -7.36 -10.87 -18.44
N PRO A 275 -6.48 -11.29 -19.35
CA PRO A 275 -5.15 -10.69 -19.44
C PRO A 275 -5.31 -9.23 -19.81
N VAL A 276 -4.35 -8.39 -19.41
CA VAL A 276 -4.43 -6.98 -19.76
C VAL A 276 -4.07 -6.84 -21.23
N ASP A 277 -5.02 -6.39 -22.04
CA ASP A 277 -4.86 -6.19 -23.48
C ASP A 277 -6.02 -5.29 -23.91
N SER A 278 -6.18 -5.09 -25.23
CA SER A 278 -7.25 -4.20 -25.67
C SER A 278 -8.60 -4.74 -25.27
N LYS A 279 -8.76 -6.07 -25.19
CA LYS A 279 -10.03 -6.62 -24.75
C LYS A 279 -10.32 -6.25 -23.30
N PHE A 280 -9.30 -6.30 -22.43
CA PHE A 280 -9.51 -5.93 -21.03
C PHE A 280 -10.01 -4.50 -20.92
N TYR A 281 -9.35 -3.57 -21.63
CA TYR A 281 -9.71 -2.16 -21.53
C TYR A 281 -11.13 -1.91 -22.01
N LYS A 282 -11.52 -2.59 -23.11
CA LYS A 282 -12.88 -2.46 -23.62
C LYS A 282 -13.92 -2.92 -22.59
N MET A 283 -13.69 -4.08 -21.97
CA MET A 283 -14.67 -4.63 -21.03
C MET A 283 -14.82 -3.75 -19.81
N ILE A 284 -13.73 -3.14 -19.34
CA ILE A 284 -13.80 -2.24 -18.19
C ILE A 284 -14.64 -1.02 -18.55
N LYS A 285 -14.43 -0.46 -19.75
CA LYS A 285 -15.22 0.68 -20.21
C LYS A 285 -16.69 0.32 -20.31
N GLU A 286 -17.01 -0.87 -20.85
CA GLU A 286 -18.39 -1.28 -21.00
C GLU A 286 -19.08 -1.65 -19.71
N GLY A 287 -18.40 -1.58 -18.56
CA GLY A 287 -19.05 -1.85 -17.29
C GLY A 287 -18.79 -3.22 -16.69
N PHE A 288 -17.90 -4.04 -17.26
CA PHE A 288 -17.57 -5.29 -16.58
C PHE A 288 -16.95 -5.01 -15.21
N ARG A 289 -17.47 -5.71 -14.21
CA ARG A 289 -16.96 -5.64 -12.84
C ARG A 289 -16.93 -7.05 -12.27
N MET A 290 -15.92 -7.32 -11.44
CA MET A 290 -15.83 -8.60 -10.76
C MET A 290 -17.08 -8.87 -9.91
N SER A 291 -17.37 -10.16 -9.71
CA SER A 291 -18.45 -10.60 -8.85
C SER A 291 -17.96 -10.66 -7.41
N SER A 292 -18.86 -10.95 -6.50
CA SER A 292 -18.53 -11.00 -5.08
C SER A 292 -17.55 -12.13 -4.79
N PRO A 293 -16.46 -11.86 -4.08
CA PRO A 293 -15.62 -12.96 -3.58
C PRO A 293 -16.42 -13.87 -2.68
N GLU A 294 -15.98 -15.12 -2.57
CA GLU A 294 -16.70 -16.12 -1.81
C GLU A 294 -16.94 -15.69 -0.36
N HIS A 295 -15.86 -15.28 0.35
CA HIS A 295 -15.93 -14.97 1.76
C HIS A 295 -16.38 -13.55 2.04
N ALA A 296 -16.77 -12.80 1.02
CA ALA A 296 -17.15 -11.41 1.23
C ALA A 296 -18.60 -11.34 1.68
N PRO A 297 -18.90 -10.71 2.82
CA PRO A 297 -20.30 -10.46 3.16
C PRO A 297 -20.92 -9.50 2.16
N ALA A 298 -22.24 -9.56 2.07
CA ALA A 298 -22.97 -8.80 1.05
C ALA A 298 -22.72 -7.31 1.18
N GLU A 299 -22.63 -6.80 2.42
CA GLU A 299 -22.42 -5.38 2.60
C GLU A 299 -21.00 -4.97 2.21
N MET A 300 -20.01 -5.85 2.38
CA MET A 300 -18.68 -5.50 1.92
C MET A 300 -18.61 -5.53 0.40
N TYR A 301 -19.25 -6.51 -0.22
CA TYR A 301 -19.34 -6.49 -1.68
C TYR A 301 -20.08 -5.25 -2.16
N ASP A 302 -21.05 -4.73 -1.38
CA ASP A 302 -21.73 -3.50 -1.78
C ASP A 302 -20.76 -2.31 -1.81
N ILE A 303 -19.88 -2.19 -0.81
CA ILE A 303 -18.85 -1.16 -0.85
C ILE A 303 -18.00 -1.30 -2.12
N MET A 304 -17.57 -2.53 -2.42
CA MET A 304 -16.76 -2.80 -3.61
C MET A 304 -17.40 -2.23 -4.87
N LYS A 305 -18.67 -2.56 -5.09
CA LYS A 305 -19.38 -2.11 -6.29
C LYS A 305 -19.42 -0.58 -6.38
N THR A 306 -19.67 0.09 -5.25
CA THR A 306 -19.67 1.56 -5.29
C THR A 306 -18.26 2.12 -5.47
N CYS A 307 -17.23 1.41 -4.98
CA CYS A 307 -15.87 1.82 -5.29
C CYS A 307 -15.60 1.80 -6.79
N TRP A 308 -16.28 0.91 -7.52
CA TRP A 308 -16.02 0.76 -8.96
C TRP A 308 -17.01 1.53 -9.84
N ASP A 309 -17.69 2.54 -9.30
CA ASP A 309 -18.57 3.35 -10.14
C ASP A 309 -17.74 4.10 -11.16
N ALA A 310 -18.11 3.98 -12.45
CA ALA A 310 -17.41 4.71 -13.50
C ALA A 310 -17.42 6.21 -13.24
N ASP A 311 -18.45 6.72 -12.58
CA ASP A 311 -18.52 8.13 -12.24
C ASP A 311 -17.80 8.35 -10.91
N PRO A 312 -16.64 9.03 -10.88
CA PRO A 312 -15.90 9.15 -9.62
C PRO A 312 -16.68 9.81 -8.50
N ASP A 313 -17.62 10.71 -8.81
CA ASP A 313 -18.40 11.38 -7.77
C ASP A 313 -19.34 10.42 -7.05
N LYS A 314 -19.71 9.31 -7.67
CA LYS A 314 -20.58 8.34 -7.03
C LYS A 314 -19.83 7.34 -6.15
N ARG A 315 -18.48 7.36 -6.15
CA ARG A 315 -17.74 6.49 -5.25
C ARG A 315 -17.78 7.04 -3.83
N PRO A 316 -17.78 6.17 -2.82
CA PRO A 316 -17.64 6.63 -1.44
C PRO A 316 -16.31 7.32 -1.26
N THR A 317 -16.21 8.12 -0.20
CA THR A 317 -14.93 8.60 0.29
C THR A 317 -14.45 7.64 1.35
N PHE A 318 -13.14 7.71 1.66
CA PHE A 318 -12.64 6.82 2.70
C PHE A 318 -13.30 7.12 4.04
N LYS A 319 -13.57 8.41 4.32
CA LYS A 319 -14.26 8.77 5.56
C LYS A 319 -15.60 8.03 5.67
N GLN A 320 -16.38 7.99 4.57
CA GLN A 320 -17.64 7.26 4.61
C GLN A 320 -17.43 5.75 4.73
N ILE A 321 -16.41 5.21 4.02
CA ILE A 321 -16.16 3.78 4.06
C ILE A 321 -15.83 3.34 5.48
N VAL A 322 -15.01 4.14 6.19
CA VAL A 322 -14.69 3.86 7.58
C VAL A 322 -15.97 3.78 8.42
N GLN A 323 -16.88 4.74 8.24
CA GLN A 323 -18.14 4.76 8.96
C GLN A 323 -18.94 3.48 8.70
N ASP A 324 -19.07 3.13 7.42
CA ASP A 324 -19.78 1.92 7.01
C ASP A 324 -19.22 0.67 7.68
N ILE A 325 -17.90 0.46 7.58
CA ILE A 325 -17.32 -0.80 8.07
C ILE A 325 -17.36 -0.85 9.59
N GLU A 326 -17.13 0.28 10.25
CA GLU A 326 -17.24 0.35 11.71
C GLU A 326 -18.59 -0.15 12.18
N LYS A 327 -19.66 0.22 11.46
CA LYS A 327 -21.00 -0.23 11.78
C LYS A 327 -21.15 -1.73 11.53
N GLN A 328 -20.60 -2.24 10.41
CA GLN A 328 -20.69 -3.67 10.14
C GLN A 328 -20.01 -4.47 11.25
N ILE A 329 -18.90 -3.95 11.79
CA ILE A 329 -18.19 -4.65 12.85
C ILE A 329 -18.99 -4.63 14.15
N SER A 330 -19.59 -3.48 14.48
CA SER A 330 -20.47 -3.41 15.66
C SER A 330 -21.62 -4.41 15.57
N GLU A 331 -22.27 -4.50 14.41
CA GLU A 331 -23.48 -5.30 14.28
C GLU A 331 -23.21 -6.80 14.30
N SER A 332 -21.96 -7.23 14.34
CA SER A 332 -21.67 -8.64 14.46
C SER A 332 -20.83 -8.90 15.71
#